data_1ILZ
#
_entry.id   1ILZ
#
_cell.length_a   78.168
_cell.length_b   78.168
_cell.length_c   101.685
_cell.angle_alpha   90.00
_cell.angle_beta   90.00
_cell.angle_gamma   120.00
#
_symmetry.space_group_name_H-M   'P 31 2 1'
#
loop_
_entity.id
_entity.type
_entity.pdbx_description
1 polymer 'OUTER MEMBRANE PHOSPHOLIPASE A'
2 non-polymer 'octyl beta-D-glucopyranoside'
3 non-polymer (4S)-2-METHYL-2,4-PENTANEDIOL
4 water water
#
_entity_poly.entity_id   1
_entity_poly.type   'polypeptide(L)'
_entity_poly.pdbx_seq_one_letter_code
;ARIRAPQEATVKEVHDAPAVRGSIIANMLQEHDNPFTLYPYDTNYLIYTQTSDLNKEAIASYDWAENARKDEVKFQLSLA
FPLWRGILGPNSVLGASYTQKSWWQLSNSEESSPFRETNYEPQLFLGFATDYRFAGWTLRDVEMGYNHDSNGRSDPTSRS
WARLYTRLMAENGNWLVEVKPWYVVGNTDDNPDITKYMGYYQLKIGYHLGDAVLSAKGQYNWNTGYGGAELGLSYPITKH
VRLYTQVYSGYGESLIDYNFNQTRVGVGVMLNDLF
;
_entity_poly.pdbx_strand_id   A
#
loop_
_chem_comp.id
_chem_comp.type
_chem_comp.name
_chem_comp.formula
BOG D-saccharide 'octyl beta-D-glucopyranoside' 'C14 H28 O6'
MPD non-polymer (4S)-2-METHYL-2,4-PENTANEDIOL 'C6 H14 O2'
#
# COMPACT_ATOMS: atom_id res chain seq x y z
N ALA A 19 19.87 -4.06 -5.26
CA ALA A 19 19.84 -5.13 -6.31
C ALA A 19 18.66 -4.93 -7.25
N VAL A 20 18.92 -4.28 -8.37
CA VAL A 20 17.89 -3.96 -9.36
C VAL A 20 16.86 -3.02 -8.73
N ARG A 21 16.96 -1.74 -9.10
CA ARG A 21 16.14 -0.69 -8.51
C ARG A 21 14.64 -1.03 -8.40
N GLY A 22 14.17 -1.17 -7.17
CA GLY A 22 12.76 -1.41 -6.93
C GLY A 22 12.29 -2.85 -7.01
N SER A 23 13.18 -3.79 -7.27
CA SER A 23 12.80 -5.20 -7.38
C SER A 23 12.70 -5.86 -6.01
N ILE A 24 11.49 -5.93 -5.49
CA ILE A 24 11.24 -6.54 -4.21
C ILE A 24 11.82 -7.95 -4.12
N ILE A 25 11.55 -8.79 -5.12
CA ILE A 25 12.02 -10.17 -5.04
C ILE A 25 13.54 -10.30 -5.13
N ALA A 26 14.14 -9.62 -6.09
CA ALA A 26 15.59 -9.67 -6.23
C ALA A 26 16.21 -9.23 -4.90
N ASN A 27 15.63 -8.17 -4.33
CA ASN A 27 16.13 -7.65 -3.07
C ASN A 27 16.05 -8.69 -1.96
N MET A 28 14.92 -9.37 -1.84
CA MET A 28 14.75 -10.41 -0.82
C MET A 28 15.74 -11.55 -0.97
N LEU A 29 16.23 -11.76 -2.18
CA LEU A 29 17.19 -12.83 -2.45
C LEU A 29 18.56 -12.43 -1.93
N GLN A 30 18.82 -11.12 -1.87
CA GLN A 30 20.05 -10.58 -1.30
C GLN A 30 20.08 -10.92 0.19
N GLU A 31 21.01 -11.77 0.60
CA GLU A 31 21.09 -12.19 1.99
C GLU A 31 21.72 -11.11 2.89
N HIS A 32 21.14 -10.94 4.07
CA HIS A 32 21.62 -9.95 5.05
C HIS A 32 22.43 -10.65 6.14
N ASP A 33 23.53 -10.03 6.55
CA ASP A 33 24.36 -10.64 7.57
C ASP A 33 23.70 -10.51 8.94
N ASN A 34 22.89 -9.46 9.10
CA ASN A 34 22.15 -9.27 10.34
C ASN A 34 20.70 -9.72 10.16
N PRO A 35 20.28 -10.74 10.93
CA PRO A 35 18.91 -11.25 10.84
C PRO A 35 17.83 -10.20 11.11
N PHE A 36 18.20 -9.14 11.84
CA PHE A 36 17.25 -8.10 12.19
C PHE A 36 17.19 -6.95 11.18
N THR A 37 17.94 -7.10 10.11
CA THR A 37 17.87 -6.14 9.01
C THR A 37 16.78 -6.65 8.07
N LEU A 38 15.61 -6.02 8.16
CA LEU A 38 14.46 -6.48 7.40
C LEU A 38 14.48 -5.99 5.96
N TYR A 39 13.53 -6.46 5.18
CA TYR A 39 13.44 -6.06 3.79
C TYR A 39 12.20 -5.22 3.57
N PRO A 40 12.32 -4.20 2.72
CA PRO A 40 11.15 -3.35 2.42
C PRO A 40 10.27 -4.07 1.40
N TYR A 41 8.96 -4.02 1.61
CA TYR A 41 8.03 -4.53 0.61
C TYR A 41 7.51 -3.30 -0.16
N ASP A 42 6.48 -2.66 0.40
CA ASP A 42 5.92 -1.44 -0.17
C ASP A 42 6.71 -0.25 0.40
N THR A 43 6.22 0.96 0.18
CA THR A 43 6.87 2.15 0.70
C THR A 43 6.62 2.34 2.19
N ASN A 44 7.53 3.07 2.84
CA ASN A 44 7.42 3.36 4.26
C ASN A 44 7.48 4.85 4.46
N TYR A 45 6.46 5.40 5.11
CA TYR A 45 6.36 6.84 5.28
C TYR A 45 5.47 7.29 6.44
N LEU A 46 5.50 8.59 6.72
CA LEU A 46 4.75 9.22 7.79
C LEU A 46 4.51 10.66 7.40
N ILE A 47 3.27 11.00 7.06
CA ILE A 47 2.93 12.34 6.61
C ILE A 47 1.77 12.98 7.38
N TYR A 48 1.82 14.31 7.51
CA TYR A 48 0.74 15.07 8.13
C TYR A 48 -0.23 15.39 7.03
N THR A 49 -1.50 15.05 7.24
CA THR A 49 -2.48 15.17 6.17
C THR A 49 -3.68 16.02 6.54
N GLN A 50 -4.44 16.37 5.50
CA GLN A 50 -5.68 17.13 5.62
C GLN A 50 -6.57 16.50 4.56
N THR A 51 -7.75 16.03 4.97
CA THR A 51 -8.69 15.39 4.05
C THR A 51 -9.86 16.32 3.72
N SER A 52 -10.50 16.09 2.58
CA SER A 52 -11.60 16.96 2.14
C SER A 52 -12.85 16.66 2.97
N ASP A 53 -13.06 15.39 3.25
CA ASP A 53 -14.22 14.98 4.03
C ASP A 53 -13.83 13.84 4.97
N LEU A 54 -14.13 14.02 6.24
CA LEU A 54 -13.87 13.00 7.24
C LEU A 54 -15.15 12.21 7.45
N ASN A 55 -15.09 10.91 7.16
CA ASN A 55 -16.28 10.06 7.22
C ASN A 55 -16.73 9.75 8.64
N LYS A 56 -17.57 10.62 9.18
CA LYS A 56 -18.12 10.44 10.53
C LYS A 56 -19.22 9.40 10.55
N GLU A 57 -19.95 9.31 9.44
CA GLU A 57 -21.06 8.36 9.31
C GLU A 57 -20.63 6.95 9.73
N ALA A 58 -19.58 6.43 9.08
CA ALA A 58 -19.16 5.05 9.30
C ALA A 58 -18.54 4.80 10.68
N ILE A 59 -17.95 5.83 11.28
CA ILE A 59 -17.33 5.67 12.59
C ILE A 59 -18.19 6.30 13.68
N ALA A 60 -19.45 6.56 13.35
CA ALA A 60 -20.41 7.15 14.30
C ALA A 60 -20.41 6.43 15.64
N SER A 61 -20.16 5.12 15.63
CA SER A 61 -20.16 4.31 16.84
C SER A 61 -19.17 4.84 17.86
N TYR A 62 -18.14 5.53 17.39
CA TYR A 62 -17.09 6.03 18.28
C TYR A 62 -17.56 7.27 19.03
N ASP A 63 -17.20 7.37 20.29
CA ASP A 63 -17.66 8.46 21.15
C ASP A 63 -16.86 9.74 20.94
N TRP A 64 -15.90 9.71 20.01
CA TRP A 64 -15.16 10.91 19.67
C TRP A 64 -15.52 11.37 18.26
N ALA A 65 -16.32 10.55 17.58
CA ALA A 65 -16.69 10.80 16.18
C ALA A 65 -17.09 12.24 15.92
N GLU A 66 -17.94 12.79 16.77
CA GLU A 66 -18.37 14.18 16.63
C GLU A 66 -17.19 15.13 16.50
N ASN A 67 -16.18 14.94 17.36
CA ASN A 67 -15.03 15.82 17.39
C ASN A 67 -13.95 15.44 16.37
N ALA A 68 -14.29 14.57 15.44
CA ALA A 68 -13.32 14.10 14.44
C ALA A 68 -12.82 15.26 13.58
N ARG A 69 -11.51 15.48 13.57
CA ARG A 69 -10.91 16.53 12.76
C ARG A 69 -10.47 15.99 11.39
N LYS A 70 -10.41 16.86 10.39
CA LYS A 70 -10.03 16.45 9.04
C LYS A 70 -8.51 16.37 8.82
N ASP A 71 -7.74 16.78 9.82
CA ASP A 71 -6.28 16.73 9.73
C ASP A 71 -5.75 15.55 10.53
N GLU A 72 -5.10 14.61 9.84
CA GLU A 72 -4.63 13.38 10.48
C GLU A 72 -3.18 13.04 10.15
N VAL A 73 -2.51 12.37 11.09
CA VAL A 73 -1.19 11.80 10.82
C VAL A 73 -1.40 10.48 10.12
N LYS A 74 -0.90 10.36 8.90
CA LYS A 74 -1.06 9.12 8.15
C LYS A 74 0.30 8.47 7.94
N PHE A 75 0.40 7.18 8.26
CA PHE A 75 1.65 6.50 8.04
C PHE A 75 1.48 5.09 7.49
N GLN A 76 2.54 4.61 6.84
CA GLN A 76 2.53 3.29 6.25
C GLN A 76 3.82 2.55 6.54
N LEU A 77 3.66 1.33 7.04
CA LEU A 77 4.78 0.47 7.36
C LEU A 77 4.66 -0.73 6.42
N SER A 78 5.77 -1.10 5.80
CA SER A 78 5.72 -2.23 4.86
C SER A 78 7.03 -2.99 4.80
N LEU A 79 6.99 -4.25 5.23
CA LEU A 79 8.18 -5.10 5.31
C LEU A 79 7.91 -6.44 4.66
N ALA A 80 8.98 -7.10 4.22
CA ALA A 80 8.90 -8.44 3.64
C ALA A 80 9.89 -9.36 4.36
N PHE A 81 9.52 -10.62 4.53
CA PHE A 81 10.41 -11.58 5.16
C PHE A 81 10.58 -12.81 4.30
N PRO A 82 11.79 -13.04 3.78
CA PRO A 82 12.01 -14.27 3.02
C PRO A 82 11.93 -15.45 3.99
N LEU A 83 11.04 -16.39 3.74
CA LEU A 83 10.88 -17.53 4.62
C LEU A 83 11.69 -18.73 4.10
N TRP A 84 12.00 -18.72 2.80
CA TRP A 84 12.58 -19.88 2.18
C TRP A 84 13.06 -19.53 0.76
N ARG A 85 14.34 -19.20 0.64
CA ARG A 85 14.91 -18.91 -0.66
C ARG A 85 15.05 -20.20 -1.46
N GLY A 86 14.97 -20.07 -2.78
CA GLY A 86 15.18 -21.20 -3.67
C GLY A 86 14.17 -22.34 -3.55
N ILE A 87 13.00 -22.06 -3.00
CA ILE A 87 11.99 -23.09 -2.82
C ILE A 87 11.54 -23.67 -4.18
N LEU A 88 11.60 -22.85 -5.22
CA LEU A 88 11.24 -23.28 -6.57
C LEU A 88 12.32 -22.87 -7.57
N GLY A 89 13.54 -23.34 -7.32
CA GLY A 89 14.65 -23.00 -8.19
C GLY A 89 15.34 -21.75 -7.68
N PRO A 90 16.52 -21.43 -8.24
CA PRO A 90 17.22 -20.23 -7.79
C PRO A 90 16.37 -19.01 -8.22
N ASN A 91 16.63 -17.87 -7.59
CA ASN A 91 15.88 -16.67 -7.92
C ASN A 91 14.40 -16.84 -7.62
N SER A 92 14.08 -17.75 -6.71
CA SER A 92 12.70 -17.91 -6.26
C SER A 92 12.69 -17.74 -4.74
N VAL A 93 11.51 -17.50 -4.18
CA VAL A 93 11.40 -17.38 -2.75
C VAL A 93 9.96 -17.53 -2.27
N LEU A 94 9.81 -18.17 -1.12
CA LEU A 94 8.51 -18.21 -0.45
C LEU A 94 8.66 -17.15 0.62
N GLY A 95 7.89 -16.07 0.49
CA GLY A 95 8.01 -14.96 1.42
C GLY A 95 6.70 -14.49 2.01
N ALA A 96 6.82 -13.66 3.04
CA ALA A 96 5.67 -13.00 3.62
C ALA A 96 5.98 -11.52 3.69
N SER A 97 4.93 -10.71 3.85
CA SER A 97 5.12 -9.28 3.98
C SER A 97 4.11 -8.74 4.97
N TYR A 98 4.43 -7.61 5.58
CA TYR A 98 3.48 -6.95 6.46
C TYR A 98 3.37 -5.50 6.08
N THR A 99 2.16 -5.10 5.71
CA THR A 99 1.89 -3.71 5.39
C THR A 99 0.81 -3.18 6.31
N GLN A 100 1.11 -2.08 6.98
CA GLN A 100 0.14 -1.46 7.87
C GLN A 100 -0.04 0.01 7.49
N LYS A 101 -1.30 0.44 7.37
CA LYS A 101 -1.62 1.84 7.14
C LYS A 101 -2.47 2.39 8.28
N SER A 102 -2.05 3.51 8.85
CA SER A 102 -2.77 4.09 9.97
C SER A 102 -3.14 5.56 9.80
N TRP A 103 -4.36 5.89 10.20
CA TRP A 103 -4.84 7.28 10.22
C TRP A 103 -5.06 7.65 11.68
N TRP A 104 -4.45 8.76 12.11
CA TRP A 104 -4.35 9.08 13.52
C TRP A 104 -4.71 10.53 13.82
N GLN A 105 -5.72 10.73 14.68
CA GLN A 105 -6.16 12.06 15.09
C GLN A 105 -5.16 12.65 16.08
N LEU A 106 -3.89 12.72 15.69
CA LEU A 106 -2.84 13.19 16.59
C LEU A 106 -3.15 14.56 17.19
N SER A 107 -3.53 15.52 16.35
CA SER A 107 -3.79 16.87 16.81
C SER A 107 -5.08 16.98 17.63
N ASN A 108 -5.94 15.99 17.53
CA ASN A 108 -7.23 16.00 18.24
C ASN A 108 -7.03 15.72 19.73
N SER A 109 -6.30 16.61 20.39
CA SER A 109 -5.98 16.48 21.81
C SER A 109 -7.22 16.40 22.69
N GLU A 110 -8.28 17.08 22.28
CA GLU A 110 -9.52 17.10 23.05
C GLU A 110 -10.08 15.70 23.26
N GLU A 111 -9.66 14.76 22.44
CA GLU A 111 -10.16 13.38 22.50
C GLU A 111 -9.03 12.41 22.83
N SER A 112 -7.95 12.93 23.39
CA SER A 112 -6.77 12.12 23.68
C SER A 112 -6.22 11.44 22.42
N SER A 113 -6.05 12.22 21.36
CA SER A 113 -5.41 11.79 20.13
C SER A 113 -5.73 10.35 19.71
N PRO A 114 -7.00 10.07 19.37
CA PRO A 114 -7.38 8.71 18.98
C PRO A 114 -6.85 8.28 17.61
N PHE A 115 -6.84 6.98 17.39
CA PHE A 115 -6.55 6.41 16.08
C PHE A 115 -7.90 6.15 15.43
N ARG A 116 -8.13 6.68 14.25
CA ARG A 116 -9.41 6.47 13.57
C ARG A 116 -9.47 5.10 12.93
N GLU A 117 -8.39 4.72 12.26
CA GLU A 117 -8.37 3.49 11.48
C GLU A 117 -6.96 2.96 11.25
N THR A 118 -6.82 1.65 11.39
CA THR A 118 -5.58 0.98 11.06
C THR A 118 -5.96 -0.18 10.14
N ASN A 119 -5.11 -0.45 9.16
CA ASN A 119 -5.36 -1.55 8.21
C ASN A 119 -4.18 -2.50 8.20
N TYR A 120 -4.42 -3.69 8.72
CA TYR A 120 -3.40 -4.73 8.85
C TYR A 120 -3.47 -5.59 7.59
N GLU A 121 -2.35 -5.69 6.87
CA GLU A 121 -2.33 -6.39 5.60
C GLU A 121 -1.13 -7.34 5.42
N PRO A 122 -1.22 -8.57 5.98
CA PRO A 122 -0.13 -9.54 5.83
C PRO A 122 -0.31 -10.32 4.51
N GLN A 123 0.79 -10.74 3.92
CA GLN A 123 0.74 -11.52 2.68
C GLN A 123 1.63 -12.75 2.81
N LEU A 124 1.22 -13.83 2.15
CA LEU A 124 2.07 -15.01 2.01
C LEU A 124 2.21 -15.26 0.51
N PHE A 125 3.44 -15.35 0.02
CA PHE A 125 3.60 -15.48 -1.41
C PHE A 125 4.78 -16.30 -1.90
N LEU A 126 4.65 -16.73 -3.15
CA LEU A 126 5.74 -17.35 -3.90
C LEU A 126 6.17 -16.27 -4.87
N GLY A 127 7.45 -15.91 -4.83
CA GLY A 127 7.94 -14.87 -5.71
C GLY A 127 9.15 -15.30 -6.52
N PHE A 128 9.32 -14.68 -7.69
CA PHE A 128 10.43 -15.00 -8.56
C PHE A 128 11.09 -13.71 -9.04
N ALA A 129 12.41 -13.71 -9.14
CA ALA A 129 13.12 -12.57 -9.70
C ALA A 129 13.46 -12.95 -11.12
N THR A 130 12.89 -12.23 -12.09
CA THR A 130 12.98 -12.63 -13.49
C THR A 130 13.64 -11.62 -14.41
N ASP A 131 13.70 -11.96 -15.70
CA ASP A 131 14.38 -11.14 -16.69
C ASP A 131 13.81 -11.32 -18.10
N TYR A 132 12.54 -10.97 -18.29
CA TYR A 132 11.89 -11.06 -19.59
C TYR A 132 11.88 -9.72 -20.31
N ARG A 133 12.16 -9.74 -21.61
CA ARG A 133 12.20 -8.53 -22.41
C ARG A 133 10.85 -8.17 -23.03
N PHE A 134 10.44 -6.92 -22.82
CA PHE A 134 9.24 -6.40 -23.45
C PHE A 134 9.55 -5.12 -24.22
N ALA A 135 10.36 -5.24 -25.28
CA ALA A 135 10.68 -4.09 -26.12
C ALA A 135 11.19 -2.90 -25.31
N GLY A 136 12.24 -3.13 -24.54
CA GLY A 136 12.77 -2.05 -23.70
C GLY A 136 12.53 -2.33 -22.23
N TRP A 137 11.33 -2.81 -21.93
CA TRP A 137 10.99 -3.12 -20.55
C TRP A 137 11.56 -4.47 -20.13
N THR A 138 11.91 -4.58 -18.86
CA THR A 138 12.29 -5.86 -18.31
C THR A 138 11.29 -6.20 -17.20
N LEU A 139 10.59 -7.32 -17.36
CA LEU A 139 9.72 -7.84 -16.30
C LEU A 139 10.62 -8.44 -15.22
N ARG A 140 10.64 -7.83 -14.04
CA ARG A 140 11.59 -8.21 -12.99
C ARG A 140 11.00 -9.03 -11.85
N ASP A 141 9.73 -8.79 -11.54
CA ASP A 141 9.07 -9.50 -10.45
C ASP A 141 7.82 -10.19 -10.96
N VAL A 142 7.65 -11.45 -10.55
CA VAL A 142 6.43 -12.19 -10.76
C VAL A 142 6.19 -12.83 -9.40
N GLU A 143 5.12 -12.41 -8.73
CA GLU A 143 4.86 -12.83 -7.37
C GLU A 143 3.42 -13.25 -7.26
N MET A 144 3.16 -14.35 -6.57
CA MET A 144 1.79 -14.83 -6.44
C MET A 144 1.53 -15.27 -5.00
N GLY A 145 0.42 -14.83 -4.42
CA GLY A 145 0.16 -15.15 -3.03
C GLY A 145 -1.22 -14.85 -2.51
N TYR A 146 -1.36 -15.00 -1.20
CA TYR A 146 -2.60 -14.73 -0.48
C TYR A 146 -2.47 -13.39 0.25
N ASN A 147 -3.54 -12.60 0.24
CA ASN A 147 -3.54 -11.31 0.91
C ASN A 147 -4.74 -11.24 1.85
N HIS A 148 -4.51 -10.72 3.05
CA HIS A 148 -5.60 -10.48 4.00
C HIS A 148 -5.51 -9.07 4.53
N ASP A 149 -6.63 -8.37 4.45
CA ASP A 149 -6.69 -6.97 4.81
C ASP A 149 -7.88 -6.73 5.72
N SER A 150 -7.60 -6.32 6.95
CA SER A 150 -8.63 -6.08 7.95
C SER A 150 -8.24 -4.88 8.79
N ASN A 151 -9.23 -4.29 9.45
CA ASN A 151 -8.98 -3.12 10.28
C ASN A 151 -9.10 -3.41 11.79
N GLY A 152 -9.08 -4.69 12.14
CA GLY A 152 -9.09 -5.08 13.53
C GLY A 152 -10.17 -4.43 14.39
N ARG A 153 -11.35 -4.26 13.81
CA ARG A 153 -12.46 -3.64 14.54
C ARG A 153 -13.56 -4.63 14.85
N SER A 154 -14.19 -4.45 16.00
CA SER A 154 -15.39 -5.20 16.32
C SER A 154 -16.51 -4.53 15.53
N ASP A 155 -17.63 -5.22 15.36
CA ASP A 155 -18.76 -4.64 14.66
C ASP A 155 -19.16 -3.36 15.38
N PRO A 156 -19.82 -2.41 14.69
CA PRO A 156 -20.21 -2.45 13.28
C PRO A 156 -19.12 -1.92 12.34
N THR A 157 -18.17 -1.17 12.89
CA THR A 157 -17.13 -0.54 12.09
C THR A 157 -16.10 -1.52 11.52
N SER A 158 -16.31 -2.80 11.76
CA SER A 158 -15.40 -3.84 11.29
C SER A 158 -15.38 -4.00 9.76
N ARG A 159 -14.19 -4.21 9.21
CA ARG A 159 -14.08 -4.43 7.77
C ARG A 159 -12.88 -5.28 7.41
N SER A 160 -13.04 -6.14 6.40
CA SER A 160 -11.98 -7.06 6.02
C SER A 160 -12.31 -7.78 4.73
N TRP A 161 -11.28 -8.18 4.00
CA TRP A 161 -11.48 -9.02 2.82
C TRP A 161 -10.21 -9.77 2.48
N ALA A 162 -10.36 -10.88 1.76
CA ALA A 162 -9.23 -11.72 1.41
C ALA A 162 -9.09 -11.82 -0.10
N ARG A 163 -7.85 -11.90 -0.56
CA ARG A 163 -7.57 -12.01 -1.97
C ARG A 163 -6.42 -12.96 -2.29
N LEU A 164 -6.55 -13.61 -3.43
CA LEU A 164 -5.46 -14.31 -4.07
C LEU A 164 -5.03 -13.32 -5.16
N TYR A 165 -3.74 -13.08 -5.29
CA TYR A 165 -3.27 -12.07 -6.24
C TYR A 165 -2.02 -12.49 -6.98
N THR A 166 -1.71 -11.75 -8.04
CA THR A 166 -0.43 -11.86 -8.73
C THR A 166 0.11 -10.42 -8.83
N ARG A 167 1.40 -10.25 -8.53
CA ARG A 167 2.03 -8.95 -8.66
C ARG A 167 3.15 -9.02 -9.70
N LEU A 168 3.06 -8.15 -10.70
CA LEU A 168 4.03 -8.09 -11.79
C LEU A 168 4.70 -6.73 -11.83
N MET A 169 6.02 -6.71 -11.97
CA MET A 169 6.73 -5.45 -12.05
C MET A 169 7.72 -5.41 -13.22
N ALA A 170 7.57 -4.38 -14.05
CA ALA A 170 8.46 -4.19 -15.17
C ALA A 170 9.07 -2.79 -15.09
N GLU A 171 10.30 -2.66 -15.56
CA GLU A 171 10.94 -1.35 -15.58
C GLU A 171 11.65 -1.10 -16.89
N ASN A 172 11.66 0.17 -17.28
CA ASN A 172 12.28 0.63 -18.53
C ASN A 172 12.90 2.00 -18.27
N GLY A 173 14.21 2.04 -18.05
CA GLY A 173 14.89 3.29 -17.78
C GLY A 173 14.40 4.02 -16.54
N ASN A 174 13.76 5.17 -16.74
CA ASN A 174 13.27 5.98 -15.64
C ASN A 174 11.86 5.55 -15.19
N TRP A 175 11.26 4.60 -15.92
CA TRP A 175 9.91 4.15 -15.62
C TRP A 175 9.85 2.85 -14.84
N LEU A 176 8.86 2.76 -13.95
CA LEU A 176 8.51 1.50 -13.29
C LEU A 176 6.99 1.31 -13.45
N VAL A 177 6.58 0.10 -13.79
CA VAL A 177 5.15 -0.22 -13.83
C VAL A 177 4.90 -1.50 -13.04
N GLU A 178 3.86 -1.48 -12.21
CA GLU A 178 3.49 -2.67 -11.45
C GLU A 178 1.98 -2.86 -11.53
N VAL A 179 1.57 -4.01 -12.03
CA VAL A 179 0.16 -4.39 -12.07
C VAL A 179 -0.09 -5.50 -11.04
N LYS A 180 -1.18 -5.39 -10.30
CA LYS A 180 -1.51 -6.38 -9.27
C LYS A 180 -2.97 -6.81 -9.34
N PRO A 181 -3.30 -7.76 -10.23
CA PRO A 181 -4.69 -8.22 -10.31
C PRO A 181 -4.97 -9.21 -9.16
N TRP A 182 -6.21 -9.29 -8.73
CA TRP A 182 -6.57 -10.19 -7.64
C TRP A 182 -7.93 -10.84 -7.83
N TYR A 183 -8.21 -11.82 -6.99
CA TYR A 183 -9.48 -12.53 -7.04
C TYR A 183 -9.89 -12.71 -5.59
N VAL A 184 -11.10 -12.28 -5.25
CA VAL A 184 -11.56 -12.27 -3.86
C VAL A 184 -11.92 -13.67 -3.36
N VAL A 185 -11.47 -14.00 -2.16
CA VAL A 185 -11.77 -15.29 -1.53
C VAL A 185 -12.18 -15.10 -0.07
N GLY A 186 -12.91 -16.07 0.47
CA GLY A 186 -13.27 -16.02 1.88
C GLY A 186 -14.51 -15.22 2.21
N ASN A 187 -14.53 -14.63 3.39
CA ASN A 187 -15.69 -13.89 3.88
C ASN A 187 -15.61 -12.41 3.53
N THR A 188 -16.71 -11.86 3.04
CA THR A 188 -16.76 -10.44 2.68
C THR A 188 -17.93 -9.73 3.37
N ASP A 189 -18.55 -10.42 4.32
CA ASP A 189 -19.75 -9.89 4.99
C ASP A 189 -19.61 -8.53 5.64
N ASP A 190 -18.41 -8.18 6.10
CA ASP A 190 -18.18 -6.85 6.67
C ASP A 190 -18.35 -5.77 5.60
N ASN A 191 -18.32 -6.19 4.33
CA ASN A 191 -18.31 -5.25 3.21
C ASN A 191 -18.43 -6.06 1.91
N PRO A 192 -19.61 -6.64 1.68
CA PRO A 192 -19.90 -7.49 0.52
C PRO A 192 -19.81 -6.79 -0.83
N ASP A 193 -19.94 -5.47 -0.83
CA ASP A 193 -19.91 -4.70 -2.07
C ASP A 193 -18.54 -4.03 -2.30
N ILE A 194 -17.51 -4.52 -1.62
CA ILE A 194 -16.19 -3.90 -1.70
C ILE A 194 -15.62 -3.89 -3.12
N THR A 195 -15.91 -4.91 -3.90
CA THR A 195 -15.46 -4.99 -5.29
C THR A 195 -16.01 -3.83 -6.11
N LYS A 196 -17.14 -3.28 -5.67
CA LYS A 196 -17.78 -2.17 -6.36
C LYS A 196 -16.89 -0.94 -6.36
N TYR A 197 -16.16 -0.74 -5.26
CA TYR A 197 -15.33 0.43 -5.08
C TYR A 197 -13.85 0.18 -5.40
N MET A 198 -13.40 -1.07 -5.21
CA MET A 198 -11.99 -1.40 -5.36
C MET A 198 -11.57 -1.94 -6.73
N GLY A 199 -12.46 -2.68 -7.40
CA GLY A 199 -12.12 -3.22 -8.71
C GLY A 199 -11.42 -4.57 -8.62
N TYR A 200 -10.71 -4.95 -9.68
CA TYR A 200 -10.07 -6.26 -9.74
C TYR A 200 -8.54 -6.19 -9.80
N TYR A 201 -7.99 -4.99 -9.80
CA TYR A 201 -6.55 -4.83 -9.80
C TYR A 201 -6.07 -3.47 -9.33
N GLN A 202 -4.75 -3.36 -9.20
CA GLN A 202 -4.10 -2.14 -8.78
C GLN A 202 -2.95 -1.86 -9.75
N LEU A 203 -2.91 -0.65 -10.31
CA LEU A 203 -1.83 -0.24 -11.19
C LEU A 203 -0.92 0.76 -10.46
N LYS A 204 0.38 0.60 -10.65
CA LYS A 204 1.35 1.47 -9.99
C LYS A 204 2.43 1.89 -10.99
N ILE A 205 2.68 3.18 -11.05
CA ILE A 205 3.66 3.72 -11.98
C ILE A 205 4.64 4.64 -11.25
N GLY A 206 5.92 4.50 -11.56
CA GLY A 206 6.92 5.38 -10.99
C GLY A 206 7.85 5.94 -12.04
N TYR A 207 8.13 7.24 -11.97
CA TYR A 207 9.08 7.86 -12.86
C TYR A 207 10.22 8.50 -12.08
N HIS A 208 11.45 8.15 -12.43
CA HIS A 208 12.65 8.69 -11.79
C HIS A 208 13.11 9.93 -12.57
N LEU A 209 13.03 11.09 -11.93
CA LEU A 209 13.57 12.32 -12.51
C LEU A 209 14.81 12.66 -11.68
N GLY A 210 15.94 12.10 -12.07
CA GLY A 210 17.10 12.17 -11.21
C GLY A 210 16.73 11.49 -9.91
N ASP A 211 16.96 12.17 -8.79
CA ASP A 211 16.63 11.60 -7.49
C ASP A 211 15.19 11.86 -7.09
N ALA A 212 14.51 12.73 -7.83
CA ALA A 212 13.09 12.94 -7.59
C ALA A 212 12.35 11.71 -8.11
N VAL A 213 11.38 11.24 -7.32
CA VAL A 213 10.58 10.08 -7.71
C VAL A 213 9.10 10.47 -7.73
N LEU A 214 8.48 10.37 -8.91
CA LEU A 214 7.05 10.62 -9.08
C LEU A 214 6.35 9.26 -9.12
N SER A 215 5.22 9.14 -8.43
CA SER A 215 4.51 7.88 -8.40
C SER A 215 2.99 8.03 -8.47
N ALA A 216 2.35 7.02 -9.04
CA ALA A 216 0.90 6.98 -9.14
C ALA A 216 0.44 5.58 -8.79
N LYS A 217 -0.60 5.49 -7.97
CA LYS A 217 -1.11 4.19 -7.53
C LYS A 217 -2.63 4.27 -7.46
N GLY A 218 -3.30 3.36 -8.17
CA GLY A 218 -4.75 3.38 -8.17
C GLY A 218 -5.42 2.07 -8.49
N GLN A 219 -6.75 2.08 -8.30
CA GLN A 219 -7.60 0.95 -8.61
C GLN A 219 -8.89 1.54 -9.17
N TYR A 220 -9.52 0.83 -10.12
CA TYR A 220 -10.70 1.38 -10.78
C TYR A 220 -11.58 0.29 -11.37
N ASN A 221 -12.82 0.19 -10.89
CA ASN A 221 -13.77 -0.75 -11.44
C ASN A 221 -14.37 -0.15 -12.71
N TRP A 222 -13.95 -0.66 -13.87
CA TRP A 222 -14.43 -0.13 -15.14
C TRP A 222 -15.93 -0.33 -15.35
N ASN A 223 -16.52 -1.21 -14.55
CA ASN A 223 -17.95 -1.50 -14.67
C ASN A 223 -18.81 -0.52 -13.87
N THR A 224 -18.37 -0.15 -12.68
CA THR A 224 -19.18 0.67 -11.77
C THR A 224 -18.80 2.15 -11.74
N GLY A 225 -17.65 2.49 -12.31
CA GLY A 225 -17.22 3.87 -12.33
C GLY A 225 -16.55 4.34 -11.05
N TYR A 226 -16.46 3.45 -10.06
CA TYR A 226 -15.81 3.82 -8.80
C TYR A 226 -14.32 3.47 -8.79
N GLY A 227 -13.54 4.26 -8.07
CA GLY A 227 -12.12 4.03 -7.97
C GLY A 227 -11.40 5.08 -7.14
N GLY A 228 -10.08 4.98 -7.07
CA GLY A 228 -9.31 5.94 -6.31
C GLY A 228 -7.89 6.04 -6.82
N ALA A 229 -7.30 7.21 -6.69
CA ALA A 229 -5.94 7.43 -7.16
C ALA A 229 -5.08 8.09 -6.10
N GLU A 230 -3.78 7.90 -6.25
CA GLU A 230 -2.81 8.39 -5.28
C GLU A 230 -1.55 8.80 -6.03
N LEU A 231 -1.27 10.10 -6.07
CA LEU A 231 -0.05 10.59 -6.69
C LEU A 231 0.94 10.97 -5.60
N GLY A 232 2.22 10.76 -5.88
CA GLY A 232 3.23 11.13 -4.92
C GLY A 232 4.46 11.65 -5.60
N LEU A 233 5.21 12.46 -4.86
CA LEU A 233 6.48 12.99 -5.32
C LEU A 233 7.41 12.98 -4.10
N SER A 234 8.61 12.46 -4.27
CA SER A 234 9.56 12.44 -3.17
C SER A 234 10.94 12.88 -3.64
N TYR A 235 11.78 13.26 -2.70
CA TYR A 235 13.14 13.71 -3.00
C TYR A 235 13.99 13.45 -1.76
N PRO A 236 15.20 12.91 -1.95
CA PRO A 236 16.08 12.58 -0.83
C PRO A 236 16.48 13.75 0.06
N ILE A 237 16.33 13.54 1.37
CA ILE A 237 16.83 14.46 2.38
C ILE A 237 18.22 13.96 2.76
N THR A 238 18.34 12.65 2.88
CA THR A 238 19.62 11.98 3.06
C THR A 238 19.55 10.70 2.25
N LYS A 239 20.56 9.84 2.40
CA LYS A 239 20.60 8.59 1.66
C LYS A 239 19.48 7.63 2.08
N HIS A 240 18.99 7.77 3.30
CA HIS A 240 17.95 6.87 3.77
C HIS A 240 16.56 7.49 3.91
N VAL A 241 16.51 8.81 4.12
CA VAL A 241 15.24 9.51 4.34
C VAL A 241 14.90 10.53 3.27
N ARG A 242 13.62 10.60 2.90
CA ARG A 242 13.18 11.50 1.85
C ARG A 242 12.01 12.38 2.31
N LEU A 243 11.83 13.52 1.64
CA LEU A 243 10.65 14.36 1.85
C LEU A 243 9.60 13.85 0.87
N TYR A 244 8.36 13.70 1.35
CA TYR A 244 7.32 13.06 0.56
C TYR A 244 6.03 13.86 0.62
N THR A 245 5.46 14.10 -0.56
CA THR A 245 4.19 14.81 -0.68
C THR A 245 3.19 13.85 -1.32
N GLN A 246 2.00 13.74 -0.74
CA GLN A 246 0.98 12.82 -1.26
C GLN A 246 -0.38 13.46 -1.46
N VAL A 247 -1.04 13.05 -2.53
CA VAL A 247 -2.40 13.48 -2.81
C VAL A 247 -3.22 12.24 -3.17
N TYR A 248 -4.16 11.88 -2.31
CA TYR A 248 -5.09 10.80 -2.63
C TYR A 248 -6.47 11.38 -2.95
N SER A 249 -7.09 10.86 -3.98
CA SER A 249 -8.44 11.29 -4.31
C SER A 249 -9.24 10.10 -4.78
N GLY A 250 -10.44 9.94 -4.21
CA GLY A 250 -11.31 8.87 -4.66
C GLY A 250 -11.81 7.97 -3.55
N TYR A 251 -12.44 6.87 -3.94
CA TYR A 251 -12.93 5.87 -2.99
C TYR A 251 -11.80 4.92 -2.60
N GLY A 252 -12.00 4.22 -1.50
CA GLY A 252 -11.07 3.17 -1.10
C GLY A 252 -9.72 3.56 -0.49
N GLU A 253 -9.64 4.69 0.19
CA GLU A 253 -8.37 5.08 0.80
C GLU A 253 -8.03 4.11 1.92
N SER A 254 -9.00 3.87 2.80
CA SER A 254 -8.85 2.86 3.84
C SER A 254 -10.09 1.97 3.80
N LEU A 255 -10.09 0.89 4.59
CA LEU A 255 -11.22 -0.02 4.60
C LEU A 255 -12.49 0.63 5.13
N ILE A 256 -12.39 1.37 6.22
CA ILE A 256 -13.56 2.01 6.78
C ILE A 256 -14.10 3.08 5.83
N ASP A 257 -13.28 3.51 4.87
CA ASP A 257 -13.73 4.45 3.85
C ASP A 257 -13.74 3.84 2.45
N TYR A 258 -13.93 2.52 2.36
CA TYR A 258 -13.85 1.87 1.06
C TYR A 258 -14.97 2.34 0.14
N ASN A 259 -16.09 2.70 0.74
CA ASN A 259 -17.24 3.16 -0.02
C ASN A 259 -17.49 4.64 0.24
N PHE A 260 -16.44 5.33 0.67
CA PHE A 260 -16.50 6.76 0.93
C PHE A 260 -15.49 7.49 0.06
N ASN A 261 -15.86 8.68 -0.41
CA ASN A 261 -15.03 9.45 -1.31
C ASN A 261 -14.42 10.65 -0.62
N GLN A 262 -13.12 10.85 -0.82
CA GLN A 262 -12.42 11.95 -0.19
C GLN A 262 -11.19 12.32 -1.01
N THR A 263 -10.68 13.53 -0.80
CA THR A 263 -9.44 13.95 -1.41
C THR A 263 -8.54 14.35 -0.29
N ARG A 264 -7.34 13.79 -0.29
CA ARG A 264 -6.43 13.97 0.82
C ARG A 264 -5.03 14.36 0.37
N VAL A 265 -4.49 15.39 1.02
CA VAL A 265 -3.16 15.88 0.74
C VAL A 265 -2.33 15.79 2.02
N GLY A 266 -1.08 15.38 1.89
CA GLY A 266 -0.24 15.23 3.07
C GLY A 266 1.22 15.47 2.73
N VAL A 267 2.00 15.81 3.75
CA VAL A 267 3.44 16.05 3.57
C VAL A 267 4.18 15.46 4.75
N GLY A 268 5.26 14.74 4.46
CA GLY A 268 6.01 14.14 5.54
C GLY A 268 7.32 13.51 5.09
N VAL A 269 7.83 12.59 5.91
CA VAL A 269 9.05 11.88 5.61
C VAL A 269 8.76 10.49 5.07
N MET A 270 9.74 9.94 4.37
CA MET A 270 9.61 8.63 3.76
C MET A 270 10.97 7.95 3.82
N LEU A 271 10.98 6.63 3.87
CA LEU A 271 12.24 5.90 3.78
C LEU A 271 12.46 5.51 2.32
N ASN A 272 11.86 4.39 1.92
CA ASN A 272 11.98 3.90 0.55
C ASN A 272 10.76 4.32 -0.28
N ASP A 273 10.99 4.70 -1.53
CA ASP A 273 9.87 4.89 -2.45
C ASP A 273 9.82 3.63 -3.30
N LEU A 274 8.89 3.55 -4.27
CA LEU A 274 8.76 2.32 -5.04
C LEU A 274 10.05 1.94 -5.78
N PHE A 275 10.88 2.93 -6.08
CA PHE A 275 12.21 2.67 -6.62
C PHE A 275 13.03 3.95 -6.63
C1 BOG B . 12.69 -17.39 -15.73
O1 BOG B . 12.67 -18.03 -14.49
C2 BOG B . 13.76 -16.29 -15.72
O2 BOG B . 13.42 -15.30 -14.76
C3 BOG B . 13.88 -15.66 -17.11
O3 BOG B . 14.94 -14.71 -17.12
C4 BOG B . 14.15 -16.75 -18.15
O4 BOG B . 14.19 -16.19 -19.45
C5 BOG B . 13.03 -17.81 -18.07
O5 BOG B . 12.97 -18.37 -16.74
C6 BOG B . 13.24 -18.95 -19.03
O6 BOG B . 12.09 -19.19 -19.83
C1' BOG B . 11.53 -18.77 -14.07
C2' BOG B . 10.74 -17.96 -13.07
C3' BOG B . 9.31 -18.43 -13.05
C4' BOG B . 8.45 -17.30 -13.57
C5' BOG B . 7.19 -17.89 -14.10
C6' BOG B . 6.05 -17.48 -13.18
C7' BOG B . 4.83 -18.33 -13.42
C8' BOG B . 3.97 -17.66 -14.45
C1 BOG C . -11.56 -7.37 -14.99
O1 BOG C . -10.28 -7.23 -15.53
C2 BOG C . -12.56 -6.58 -15.84
O2 BOG C . -12.29 -5.19 -15.73
C3 BOG C . -14.00 -6.86 -15.37
O3 BOG C . -14.92 -6.25 -16.26
C4 BOG C . -14.27 -8.36 -15.31
O4 BOG C . -15.55 -8.60 -14.75
C5 BOG C . -13.20 -9.04 -14.46
O5 BOG C . -11.89 -8.77 -14.99
C6 BOG C . -13.36 -10.54 -14.40
O6 BOG C . -13.70 -11.08 -15.68
C1' BOG C . -9.16 -6.94 -14.66
C2' BOG C . -7.91 -7.60 -15.26
C3' BOG C . -6.77 -6.64 -15.55
C4' BOG C . -5.44 -7.26 -15.12
C5' BOG C . -4.32 -7.02 -16.12
C6' BOG C . -3.45 -8.26 -16.21
C7' BOG C . -2.36 -8.13 -17.26
C8' BOG C . -1.26 -9.12 -17.05
C1 BOG D . -5.01 -20.23 2.22
O1 BOG D . -3.78 -19.60 2.32
C2 BOG D . -5.97 -19.61 3.24
O2 BOG D . -5.50 -19.85 4.56
C3 BOG D . -7.36 -20.24 3.08
O3 BOG D . -8.28 -19.63 3.96
C4 BOG D . -7.84 -20.06 1.63
O4 BOG D . -9.08 -20.73 1.45
C5 BOG D . -6.79 -20.63 0.66
O5 BOG D . -5.51 -20.01 0.88
C6 BOG D . -7.15 -20.35 -0.79
O6 BOG D . -8.17 -21.23 -1.25
C1' BOG D . -2.65 -20.26 1.73
C2' BOG D . -2.24 -19.42 0.52
C3' BOG D . -0.74 -19.39 0.34
C4' BOG D . -0.36 -18.43 -0.77
C5' BOG D . 0.61 -19.06 -1.74
C6' BOG D . 0.01 -19.12 -3.14
C7' BOG D . 1.05 -19.66 -4.10
C8' BOG D . 0.85 -19.04 -5.45
C1 BOG E . 8.79 12.17 -19.45
O1 BOG E . 7.48 12.26 -19.00
C2 BOG E . 8.80 12.13 -20.99
O2 BOG E . 8.15 10.95 -21.45
C3 BOG E . 10.25 12.17 -21.50
O3 BOG E . 10.26 12.23 -22.92
C4 BOG E . 10.96 13.40 -20.93
O4 BOG E . 12.33 13.40 -21.34
C5 BOG E . 10.87 13.35 -19.40
O5 BOG E . 9.49 13.33 -18.99
C6 BOG E . 11.53 14.57 -18.75
O6 BOG E . 10.99 15.77 -19.25
C1' BOG E . 7.30 11.79 -17.65
C2' BOG E . 5.91 12.14 -17.14
C3' BOG E . 5.63 11.44 -15.82
C4' BOG E . 4.13 11.37 -15.55
C1 BOG F . -0.81 2.00 17.42
O1 BOG F . 0.51 1.86 17.83
C2 BOG F . -1.07 1.09 16.22
O2 BOG F . -0.25 1.50 15.13
C3 BOG F . -2.55 1.18 15.81
O3 BOG F . -2.82 0.26 14.76
C4 BOG F . -3.44 0.87 17.02
O4 BOG F . -4.81 1.08 16.66
C5 BOG F . -3.07 1.76 18.20
O5 BOG F . -1.67 1.61 18.52
C6 BOG F . -3.84 1.41 19.46
O6 BOG F . -5.21 1.15 19.16
C1' BOG F . 1.06 2.93 18.65
C2' BOG F . 2.23 3.60 17.96
C1 MPD G . 2.28 -22.05 0.68
C2 MPD G . 2.65 -23.10 -0.35
O2 MPD G . 1.67 -24.15 -0.25
CM MPD G . 2.64 -22.53 -1.73
C3 MPD G . 4.06 -23.73 -0.12
C4 MPD G . 4.22 -24.71 1.05
O4 MPD G . 3.40 -25.84 0.89
C5 MPD G . 5.65 -25.20 1.14
C1 MPD H . -7.06 -12.08 -11.73
C2 MPD H . -8.43 -11.54 -12.07
O2 MPD H . -9.24 -11.73 -10.89
CM MPD H . -8.36 -10.09 -12.41
C3 MPD H . -9.09 -12.28 -13.26
C4 MPD H . -10.42 -13.02 -13.00
O4 MPD H . -11.41 -12.12 -12.57
C5 MPD H . -10.92 -13.68 -14.26
#